data_9JT4
#
_entry.id   9JT4
#
_cell.length_a   48.965
_cell.length_b   49.747
_cell.length_c   83.506
_cell.angle_alpha   74.77
_cell.angle_beta   74.50
_cell.angle_gamma   61.41
#
_symmetry.space_group_name_H-M   'P 1'
#
loop_
_entity.id
_entity.type
_entity.pdbx_description
1 polymer 'Aldo-keto reductase family 1 member C3'
2 non-polymer 'NADP NICOTINAMIDE-ADENINE-DINUCLEOTIDE PHOSPHATE'
3 non-polymer '5-[[(6-ethoxy-2~{H}-chromen-3-yl)carbonylamino]methyl]-2-methyl-furan-3-carboxylic acid'
4 water water
#
_entity_poly.entity_id   1
_entity_poly.type   'polypeptide(L)'
_entity_poly.pdbx_seq_one_letter_code
;MHHHHHHDSKHQCVKLNDGHFMPVLGFGTYAPPEVPRSKALEVTKLAIEAGFRHIDSAHLYNNEEQVGLAIRSKIADGSV
KREDIFYTSKLWSTFHRPELVRPALENSLKKAQLDYVDLYLIHSPMSLKPGEELSPTDENGKVIFDIVDLCTTWEAMEKC
KDAGLAKSIGVSNFNRRQLEMILNKPGLKYKPVCNQVECHPYFNRSKLLDFCKSKDIVLVAYSALGSQRDKRWVDPNSPV
LLEDPVLCALAKKHKRTPALIALRYQLQRGVVVLAKSYNEQRIRQNVQVFEFQLTAEDMKAIDGLDRNLHYFNSDSFASH
PNYPYSDEY
;
_entity_poly.pdbx_strand_id   A,B
#
# COMPACT_ATOMS: atom_id res chain seq x y z
N GLN A 12 30.26 -12.96 -5.39
CA GLN A 12 29.77 -11.86 -6.22
C GLN A 12 29.77 -10.53 -5.43
N CYS A 13 30.24 -9.49 -6.12
CA CYS A 13 30.21 -8.12 -5.63
C CYS A 13 29.47 -7.25 -6.63
N VAL A 14 29.14 -6.05 -6.17
CA VAL A 14 28.63 -4.99 -7.03
C VAL A 14 29.63 -3.86 -6.94
N LYS A 15 29.91 -3.21 -8.08
CA LYS A 15 30.76 -2.03 -8.07
C LYS A 15 29.96 -0.83 -7.59
N LEU A 16 30.49 -0.11 -6.60
CA LEU A 16 29.84 1.07 -6.06
C LEU A 16 30.21 2.29 -6.90
N ASN A 17 29.46 3.38 -6.70
CA ASN A 17 29.68 4.54 -7.55
C ASN A 17 30.98 5.30 -7.21
N ASP A 18 31.71 4.92 -6.15
CA ASP A 18 33.04 5.45 -5.91
C ASP A 18 34.14 4.49 -6.34
N GLY A 19 33.82 3.42 -7.08
CA GLY A 19 34.80 2.48 -7.57
C GLY A 19 35.10 1.31 -6.65
N HIS A 20 34.66 1.36 -5.40
CA HIS A 20 34.84 0.25 -4.49
C HIS A 20 33.83 -0.85 -4.78
N PHE A 21 34.07 -2.02 -4.19
CA PHE A 21 33.22 -3.19 -4.40
C PHE A 21 32.61 -3.64 -3.08
N MET A 22 31.34 -4.04 -3.14
CA MET A 22 30.52 -4.55 -2.03
C MET A 22 30.02 -5.96 -2.30
N PRO A 23 30.30 -6.94 -1.42
CA PRO A 23 29.69 -8.27 -1.61
C PRO A 23 28.15 -8.20 -1.55
N VAL A 24 27.49 -8.97 -2.44
CA VAL A 24 26.04 -8.81 -2.59
C VAL A 24 25.26 -9.50 -1.48
N LEU A 25 25.91 -10.36 -0.70
CA LEU A 25 25.27 -10.97 0.48
C LEU A 25 26.04 -10.52 1.73
N GLY A 26 25.32 -9.93 2.67
CA GLY A 26 25.92 -9.48 3.91
C GLY A 26 25.29 -10.13 5.12
N PHE A 27 26.08 -10.21 6.19
CA PHE A 27 25.68 -10.85 7.45
C PHE A 27 25.16 -9.79 8.39
N GLY A 28 23.93 -9.97 8.88
CA GLY A 28 23.34 -8.98 9.77
C GLY A 28 23.66 -9.35 11.20
N THR A 29 24.10 -8.36 11.97
CA THR A 29 24.61 -8.70 13.30
C THR A 29 23.74 -8.24 14.45
N TYR A 30 22.61 -7.55 14.21
CA TYR A 30 21.84 -7.07 15.35
C TYR A 30 21.23 -8.23 16.12
N ALA A 31 21.38 -8.19 17.44
CA ALA A 31 20.64 -9.06 18.34
C ALA A 31 20.09 -8.25 19.50
N PRO A 32 18.92 -8.60 20.02
CA PRO A 32 18.31 -7.74 21.04
C PRO A 32 19.12 -7.84 22.33
N PRO A 33 18.97 -6.88 23.24
CA PRO A 33 19.90 -6.81 24.37
C PRO A 33 19.85 -8.00 25.29
N GLU A 34 18.77 -8.81 25.25
CA GLU A 34 18.67 -10.05 26.02
C GLU A 34 19.60 -11.15 25.51
N VAL A 35 20.22 -10.97 24.34
CA VAL A 35 21.21 -11.92 23.84
C VAL A 35 22.57 -11.51 24.40
N PRO A 36 23.30 -12.42 25.04
CA PRO A 36 24.64 -12.08 25.54
C PRO A 36 25.56 -11.62 24.43
N ARG A 37 26.45 -10.67 24.73
CA ARG A 37 27.35 -10.14 23.69
C ARG A 37 28.36 -11.19 23.21
N SER A 38 28.60 -12.22 24.01
CA SER A 38 29.49 -13.30 23.56
C SER A 38 28.94 -13.98 22.32
N LYS A 39 27.62 -13.95 22.14
CA LYS A 39 27.04 -14.61 20.96
C LYS A 39 27.45 -13.90 19.67
N ALA A 40 27.46 -12.56 19.67
CA ALA A 40 27.89 -11.85 18.45
C ALA A 40 29.29 -12.24 18.03
N LEU A 41 30.17 -12.45 19.01
CA LEU A 41 31.52 -12.90 18.71
C LEU A 41 31.51 -14.27 18.07
N GLU A 42 30.74 -15.21 18.63
CA GLU A 42 30.71 -16.57 18.10
C GLU A 42 30.09 -16.63 16.73
N VAL A 43 28.94 -15.97 16.53
CA VAL A 43 28.26 -16.11 15.23
C VAL A 43 28.96 -15.33 14.13
N THR A 44 29.66 -14.23 14.44
CA THR A 44 30.39 -13.57 13.36
C THR A 44 31.53 -14.44 12.88
N LYS A 45 32.19 -15.17 13.77
CA LYS A 45 33.18 -16.13 13.30
C LYS A 45 32.56 -17.21 12.42
N LEU A 46 31.44 -17.75 12.85
CA LEU A 46 30.73 -18.77 12.05
C LEU A 46 30.32 -18.22 10.68
N ALA A 47 29.86 -16.97 10.61
CA ALA A 47 29.49 -16.39 9.32
C ALA A 47 30.70 -16.29 8.40
N ILE A 48 31.83 -15.85 8.94
CA ILE A 48 33.04 -15.80 8.12
C ILE A 48 33.45 -17.22 7.68
N GLU A 49 33.38 -18.17 8.59
CA GLU A 49 33.66 -19.56 8.23
C GLU A 49 32.73 -20.05 7.13
N ALA A 50 31.48 -19.59 7.14
CA ALA A 50 30.51 -20.06 6.17
C ALA A 50 30.71 -19.40 4.82
N GLY A 51 31.46 -18.30 4.74
CA GLY A 51 31.68 -17.63 3.47
C GLY A 51 31.19 -16.21 3.41
N PHE A 52 30.54 -15.70 4.44
CA PHE A 52 30.21 -14.27 4.47
C PHE A 52 31.48 -13.43 4.53
N ARG A 53 31.49 -12.37 3.73
CA ARG A 53 32.59 -11.42 3.71
C ARG A 53 32.11 -10.01 3.95
N HIS A 54 30.82 -9.78 3.92
CA HIS A 54 30.23 -8.48 4.18
C HIS A 54 29.54 -8.60 5.54
N ILE A 55 29.94 -7.76 6.50
CA ILE A 55 29.45 -7.84 7.87
C ILE A 55 28.84 -6.47 8.22
N ASP A 56 27.56 -6.46 8.61
CA ASP A 56 26.82 -5.21 8.90
C ASP A 56 26.68 -5.00 10.40
N SER A 57 27.32 -3.96 10.92
CA SER A 57 27.16 -3.58 12.32
C SER A 57 26.78 -2.09 12.42
N ALA A 58 26.87 -1.57 13.62
CA ALA A 58 26.45 -0.20 13.94
C ALA A 58 26.76 0.14 15.39
N HIS A 59 26.91 1.44 15.66
CA HIS A 59 27.08 1.84 17.05
C HIS A 59 25.88 1.41 17.88
N LEU A 60 24.67 1.49 17.29
CA LEU A 60 23.43 1.17 18.01
C LEU A 60 23.45 -0.25 18.55
N TYR A 61 24.16 -1.15 17.87
CA TYR A 61 23.97 -2.57 18.14
C TYR A 61 24.72 -3.04 19.39
N ASN A 62 25.58 -2.21 19.97
CA ASN A 62 26.35 -2.59 21.15
C ASN A 62 27.08 -3.91 20.88
N ASN A 63 27.68 -4.04 19.71
CA ASN A 63 28.38 -5.29 19.40
C ASN A 63 29.63 -5.07 18.56
N GLU A 64 30.05 -3.83 18.34
CA GLU A 64 31.21 -3.62 17.47
C GLU A 64 32.47 -4.22 18.08
N GLU A 65 32.59 -4.19 19.42
CA GLU A 65 33.77 -4.84 20.01
C GLU A 65 33.83 -6.31 19.66
N GLN A 66 32.68 -7.00 19.73
CA GLN A 66 32.66 -8.44 19.48
C GLN A 66 32.78 -8.77 17.99
N VAL A 67 32.08 -8.00 17.16
CA VAL A 67 32.23 -8.24 15.74
C VAL A 67 33.68 -7.99 15.32
N GLY A 68 34.30 -6.95 15.88
CA GLY A 68 35.71 -6.69 15.56
C GLY A 68 36.62 -7.79 16.04
N LEU A 69 36.35 -8.34 17.24
CA LEU A 69 37.15 -9.43 17.79
C LEU A 69 37.04 -10.67 16.89
N ALA A 70 35.83 -10.92 16.37
CA ALA A 70 35.62 -12.05 15.45
C ALA A 70 36.44 -11.88 14.17
N ILE A 71 36.44 -10.66 13.60
CA ILE A 71 37.23 -10.37 12.39
C ILE A 71 38.72 -10.57 12.66
N ARG A 72 39.23 -9.99 13.75
CA ARG A 72 40.63 -10.14 14.13
C ARG A 72 40.99 -11.60 14.30
N SER A 73 40.11 -12.37 14.94
CA SER A 73 40.42 -13.77 15.19
C SER A 73 40.46 -14.57 13.89
N LYS A 74 39.58 -14.28 12.94
CA LYS A 74 39.65 -14.99 11.66
C LYS A 74 40.82 -14.52 10.80
N ILE A 75 41.33 -13.31 11.04
CA ILE A 75 42.55 -12.88 10.36
C ILE A 75 43.74 -13.62 10.95
N ALA A 76 43.76 -13.75 12.28
CA ALA A 76 44.86 -14.44 12.94
C ALA A 76 44.90 -15.93 12.60
N ASP A 77 43.71 -16.56 12.48
CA ASP A 77 43.56 -17.94 11.98
C ASP A 77 44.19 -18.16 10.63
N GLY A 78 44.42 -17.09 9.88
CA GLY A 78 44.71 -17.22 8.46
C GLY A 78 43.52 -17.46 7.56
N SER A 79 42.28 -17.41 8.10
CA SER A 79 41.12 -17.71 7.27
C SER A 79 40.86 -16.63 6.23
N VAL A 80 41.01 -15.37 6.62
CA VAL A 80 40.78 -14.21 5.75
C VAL A 80 41.89 -13.22 6.01
N LYS A 81 42.02 -12.26 5.09
CA LYS A 81 42.77 -11.03 5.33
C LYS A 81 41.78 -9.89 5.56
N ARG A 82 42.28 -8.81 6.19
CA ARG A 82 41.42 -7.64 6.42
C ARG A 82 40.82 -7.14 5.12
N GLU A 83 41.62 -7.17 4.04
CA GLU A 83 41.15 -6.68 2.75
C GLU A 83 40.07 -7.55 2.11
N ASP A 84 39.82 -8.76 2.65
CA ASP A 84 38.78 -9.64 2.17
C ASP A 84 37.46 -9.40 2.84
N ILE A 85 37.42 -8.56 3.87
CA ILE A 85 36.22 -8.36 4.67
C ILE A 85 35.70 -6.97 4.37
N PHE A 86 34.40 -6.88 4.19
CA PHE A 86 33.68 -5.62 3.96
C PHE A 86 32.92 -5.34 5.25
N TYR A 87 33.37 -4.37 6.02
CA TYR A 87 32.77 -4.12 7.33
C TYR A 87 32.04 -2.79 7.29
N THR A 88 30.77 -2.82 7.72
CA THR A 88 29.93 -1.62 7.71
C THR A 88 29.69 -1.22 9.13
N SER A 89 29.80 0.09 9.42
CA SER A 89 29.26 0.62 10.66
C SER A 89 28.32 1.77 10.30
N LYS A 90 27.64 2.26 11.33
CA LYS A 90 26.64 3.31 11.12
C LYS A 90 26.75 4.36 12.21
N LEU A 91 26.59 5.62 11.76
CA LEU A 91 26.52 6.82 12.63
C LEU A 91 25.13 6.89 13.28
N TRP A 92 25.10 6.84 14.61
CA TRP A 92 23.78 6.86 15.24
C TRP A 92 23.25 8.30 15.27
N SER A 93 21.94 8.41 15.43
CA SER A 93 21.21 9.67 15.21
C SER A 93 21.48 10.71 16.24
N THR A 94 22.04 10.37 17.39
CA THR A 94 22.46 11.39 18.34
C THR A 94 23.78 12.03 17.96
N PHE A 95 24.39 11.63 16.83
CA PHE A 95 25.70 12.12 16.41
C PHE A 95 25.62 12.79 15.05
N HIS A 96 24.46 13.34 14.68
CA HIS A 96 24.30 13.98 13.37
C HIS A 96 24.96 15.35 13.31
N ARG A 97 25.10 16.04 14.45
CA ARG A 97 25.70 17.34 14.36
C ARG A 97 27.12 17.18 13.81
N PRO A 98 27.54 18.00 12.85
CA PRO A 98 28.73 17.64 12.08
C PRO A 98 29.99 17.46 12.88
N GLU A 99 30.19 18.21 13.98
CA GLU A 99 31.39 18.03 14.78
C GLU A 99 31.42 16.71 15.55
N LEU A 100 30.29 15.97 15.62
CA LEU A 100 30.27 14.69 16.33
C LEU A 100 30.56 13.51 15.41
N VAL A 101 30.61 13.72 14.09
CA VAL A 101 30.60 12.60 13.15
C VAL A 101 31.94 11.90 13.14
N ARG A 102 33.03 12.63 12.96
CA ARG A 102 34.32 11.93 12.94
C ARG A 102 34.64 11.31 14.28
N PRO A 103 34.41 11.98 15.43
CA PRO A 103 34.64 11.31 16.72
C PRO A 103 33.81 10.06 16.93
N ALA A 104 32.55 10.04 16.45
CA ALA A 104 31.74 8.81 16.53
C ALA A 104 32.37 7.70 15.68
N LEU A 105 32.84 8.04 14.47
CA LEU A 105 33.47 7.02 13.64
C LEU A 105 34.76 6.51 14.28
N GLU A 106 35.60 7.44 14.78
CA GLU A 106 36.82 6.99 15.43
C GLU A 106 36.52 6.09 16.63
N ASN A 107 35.44 6.39 17.37
CA ASN A 107 35.10 5.58 18.53
C ASN A 107 34.68 4.17 18.10
N SER A 108 33.90 4.09 17.04
CA SER A 108 33.56 2.78 16.48
C SER A 108 34.80 2.02 16.08
N LEU A 109 35.76 2.68 15.43
CA LEU A 109 36.97 2.01 15.00
C LEU A 109 37.77 1.54 16.19
N LYS A 110 37.80 2.35 17.27
CA LYS A 110 38.53 1.93 18.46
C LYS A 110 37.88 0.71 19.10
N LYS A 111 36.55 0.68 19.22
CA LYS A 111 35.90 -0.51 19.76
C LYS A 111 36.16 -1.76 18.92
N ALA A 112 36.09 -1.63 17.57
CA ALA A 112 36.25 -2.80 16.69
C ALA A 112 37.71 -3.16 16.50
N GLN A 113 38.62 -2.29 16.96
CA GLN A 113 40.05 -2.42 16.76
C GLN A 113 40.35 -2.58 15.27
N LEU A 114 39.74 -1.69 14.49
CA LEU A 114 39.98 -1.61 13.06
C LEU A 114 40.57 -0.25 12.73
N ASP A 115 41.30 -0.20 11.61
CA ASP A 115 41.88 1.05 11.15
C ASP A 115 40.95 1.83 10.23
N TYR A 116 40.01 1.15 9.59
CA TYR A 116 39.02 1.78 8.71
C TYR A 116 37.79 0.89 8.66
N VAL A 117 36.65 1.48 8.27
CA VAL A 117 35.49 0.68 7.87
C VAL A 117 35.40 0.70 6.36
N ASP A 118 34.84 -0.35 5.80
CA ASP A 118 34.60 -0.32 4.36
C ASP A 118 33.43 0.58 4.00
N LEU A 119 32.48 0.71 4.91
CA LEU A 119 31.26 1.50 4.64
C LEU A 119 30.82 2.15 5.92
N TYR A 120 30.57 3.47 5.89
CA TYR A 120 29.97 4.15 7.04
C TYR A 120 28.68 4.75 6.57
N LEU A 121 27.61 4.49 7.29
CA LEU A 121 26.30 5.00 6.90
C LEU A 121 25.76 5.95 7.94
N ILE A 122 24.97 6.94 7.48
CA ILE A 122 24.02 7.60 8.37
C ILE A 122 22.89 6.61 8.68
N HIS A 123 22.74 6.24 9.94
CA HIS A 123 21.83 5.13 10.26
C HIS A 123 20.36 5.48 9.96
N SER A 124 19.97 6.72 10.19
CA SER A 124 18.60 7.13 9.97
C SER A 124 18.59 8.63 9.77
N PRO A 125 17.67 9.15 8.98
CA PRO A 125 17.57 10.61 8.85
C PRO A 125 17.00 11.27 10.07
N MET A 126 16.44 10.53 11.03
CA MET A 126 15.76 11.17 12.17
C MET A 126 16.72 11.52 13.32
N SER A 127 17.15 12.77 13.34
CA SER A 127 18.13 13.22 14.34
C SER A 127 17.55 13.26 15.75
N LEU A 128 18.42 13.00 16.73
CA LEU A 128 18.04 12.87 18.13
C LEU A 128 18.93 13.79 18.94
N LYS A 129 18.47 14.14 20.15
CA LYS A 129 19.23 15.01 21.03
C LYS A 129 20.65 14.48 21.24
N PRO A 130 21.69 15.30 21.04
CA PRO A 130 23.07 14.82 21.21
C PRO A 130 23.31 14.41 22.67
N GLY A 131 24.16 13.41 22.84
CA GLY A 131 24.46 12.93 24.19
C GLY A 131 24.99 11.52 24.10
N GLU A 132 25.33 10.98 25.27
CA GLU A 132 25.81 9.60 25.32
C GLU A 132 24.65 8.61 25.28
N GLU A 133 23.48 9.03 25.75
CA GLU A 133 22.29 8.20 25.68
C GLU A 133 21.90 7.96 24.23
N LEU A 134 21.70 6.69 23.86
CA LEU A 134 21.28 6.38 22.51
C LEU A 134 19.82 6.73 22.30
N SER A 135 19.01 6.70 23.36
CA SER A 135 17.58 6.94 23.23
C SER A 135 17.21 8.00 24.25
N PRO A 136 17.62 9.24 24.02
CA PRO A 136 17.32 10.32 24.98
C PRO A 136 15.82 10.54 25.12
N THR A 137 15.37 10.59 26.36
CA THR A 137 13.94 10.57 26.68
C THR A 137 13.62 11.71 27.65
N ASP A 138 12.48 12.37 27.43
CA ASP A 138 12.12 13.45 28.33
C ASP A 138 11.31 12.89 29.51
N GLU A 139 10.85 13.82 30.36
CA GLU A 139 10.12 13.46 31.58
C GLU A 139 8.82 12.69 31.32
N ASN A 140 8.31 12.72 30.09
CA ASN A 140 7.10 12.00 29.72
C ASN A 140 7.40 10.70 28.97
N GLY A 141 8.66 10.27 28.92
CA GLY A 141 9.00 9.07 28.20
C GLY A 141 9.04 9.23 26.69
N LYS A 142 9.03 10.46 26.19
CA LYS A 142 9.12 10.68 24.76
C LYS A 142 10.57 10.85 24.34
N VAL A 143 10.93 10.20 23.24
CA VAL A 143 12.29 10.34 22.71
C VAL A 143 12.46 11.77 22.22
N ILE A 144 13.61 12.39 22.52
CA ILE A 144 13.81 13.82 22.24
C ILE A 144 14.46 14.01 20.88
N PHE A 145 13.77 14.69 19.99
CA PHE A 145 14.33 14.91 18.66
C PHE A 145 15.32 16.07 18.65
N ASP A 146 16.10 16.16 17.55
CA ASP A 146 16.99 17.29 17.31
C ASP A 146 16.82 17.71 15.85
N ILE A 147 17.12 18.97 15.54
CA ILE A 147 17.01 19.45 14.16
C ILE A 147 18.41 19.66 13.65
N VAL A 148 18.79 18.90 12.61
CA VAL A 148 20.10 19.01 12.01
C VAL A 148 19.93 19.04 10.50
N ASP A 149 20.70 19.91 9.83
CA ASP A 149 20.75 19.89 8.37
C ASP A 149 21.58 18.69 7.93
N LEU A 150 20.93 17.65 7.40
CA LEU A 150 21.66 16.43 7.05
C LEU A 150 22.70 16.65 5.96
N CYS A 151 22.59 17.75 5.20
CA CYS A 151 23.67 18.09 4.27
C CYS A 151 24.97 18.40 4.99
N THR A 152 24.90 19.00 6.18
CA THR A 152 26.10 19.24 6.97
C THR A 152 26.62 17.94 7.57
N THR A 153 25.70 17.05 8.01
CA THR A 153 26.13 15.70 8.39
C THR A 153 26.85 15.01 7.25
N TRP A 154 26.28 15.09 6.05
CA TRP A 154 26.91 14.46 4.91
C TRP A 154 28.30 15.05 4.63
N GLU A 155 28.45 16.36 4.76
CA GLU A 155 29.77 16.97 4.55
C GLU A 155 30.79 16.39 5.53
N ALA A 156 30.36 16.13 6.76
CA ALA A 156 31.28 15.52 7.72
C ALA A 156 31.58 14.07 7.37
N MET A 157 30.59 13.34 6.81
CA MET A 157 30.89 11.98 6.30
C MET A 157 31.92 12.01 5.17
N GLU A 158 31.77 12.95 4.24
CA GLU A 158 32.75 13.10 3.15
C GLU A 158 34.16 13.32 3.67
N LYS A 159 34.32 14.11 4.73
CA LYS A 159 35.64 14.29 5.33
C LYS A 159 36.16 12.99 5.95
N CYS A 160 35.27 12.12 6.44
CA CYS A 160 35.71 10.82 6.94
C CYS A 160 36.23 9.91 5.81
N LYS A 161 35.62 9.97 4.63
CA LYS A 161 36.14 9.23 3.49
C LYS A 161 37.46 9.82 3.03
N ASP A 162 37.57 11.15 3.03
CA ASP A 162 38.81 11.76 2.60
C ASP A 162 39.93 11.45 3.56
N ALA A 163 39.62 11.28 4.85
CA ALA A 163 40.64 10.92 5.81
C ALA A 163 41.00 9.44 5.77
N GLY A 164 40.34 8.67 4.92
CA GLY A 164 40.60 7.24 4.80
C GLY A 164 40.02 6.41 5.93
N LEU A 165 39.21 7.01 6.79
CA LEU A 165 38.60 6.24 7.87
C LEU A 165 37.43 5.39 7.41
N ALA A 166 36.78 5.79 6.34
CA ALA A 166 35.74 4.99 5.69
C ALA A 166 36.12 4.90 4.22
N LYS A 167 36.13 3.70 3.65
CA LYS A 167 36.38 3.56 2.22
C LYS A 167 35.24 4.15 1.41
N SER A 168 34.00 3.92 1.85
CA SER A 168 32.82 4.37 1.14
C SER A 168 31.84 4.91 2.18
N ILE A 169 30.95 5.81 1.76
CA ILE A 169 29.92 6.35 2.65
C ILE A 169 28.54 6.22 2.01
N GLY A 170 27.52 6.02 2.84
CA GLY A 170 26.17 5.91 2.29
C GLY A 170 25.16 6.30 3.37
N VAL A 171 23.88 6.01 3.12
CA VAL A 171 22.81 6.37 4.04
C VAL A 171 21.94 5.14 4.27
N SER A 172 21.05 5.28 5.24
CA SER A 172 20.13 4.21 5.59
C SER A 172 18.84 4.89 6.00
N ASN A 173 17.74 4.24 5.59
CA ASN A 173 16.38 4.68 5.91
C ASN A 173 16.02 6.02 5.30
N PHE A 174 16.69 6.41 4.19
CA PHE A 174 16.31 7.61 3.49
C PHE A 174 15.19 7.31 2.48
N ASN A 175 14.26 8.27 2.33
CA ASN A 175 13.33 8.17 1.21
C ASN A 175 13.91 8.95 0.03
N ARG A 176 13.15 9.01 -1.05
CA ARG A 176 13.60 9.66 -2.27
C ARG A 176 13.89 11.14 -2.06
N ARG A 177 12.96 11.87 -1.43
CA ARG A 177 13.26 13.29 -1.23
C ARG A 177 14.48 13.51 -0.36
N GLN A 178 14.72 12.65 0.62
CA GLN A 178 15.94 12.80 1.43
C GLN A 178 17.20 12.49 0.62
N LEU A 179 17.15 11.46 -0.23
CA LEU A 179 18.28 11.19 -1.10
C LEU A 179 18.51 12.39 -2.03
N GLU A 180 17.43 12.92 -2.60
CA GLU A 180 17.61 14.05 -3.53
C GLU A 180 18.22 15.25 -2.83
N MET A 181 17.91 15.43 -1.54
CA MET A 181 18.51 16.54 -0.82
C MET A 181 20.04 16.39 -0.80
N ILE A 182 20.53 15.17 -0.61
CA ILE A 182 21.97 14.97 -0.69
C ILE A 182 22.48 15.12 -2.13
N LEU A 183 21.78 14.48 -3.09
CA LEU A 183 22.29 14.47 -4.47
C LEU A 183 22.32 15.85 -5.07
N ASN A 184 21.39 16.71 -4.66
CA ASN A 184 21.29 18.09 -5.16
C ASN A 184 22.07 19.08 -4.32
N LYS A 185 22.82 18.61 -3.33
CA LYS A 185 23.56 19.52 -2.46
C LYS A 185 24.63 20.28 -3.25
N PRO A 186 24.67 21.61 -3.17
CA PRO A 186 25.77 22.34 -3.80
C PRO A 186 27.13 21.88 -3.27
N GLY A 187 28.06 21.66 -4.20
CA GLY A 187 29.40 21.24 -3.85
C GLY A 187 29.49 19.83 -3.31
N LEU A 188 28.50 18.99 -3.58
CA LEU A 188 28.57 17.58 -3.23
C LEU A 188 29.85 16.96 -3.80
N LYS A 189 30.60 16.26 -2.96
CA LYS A 189 31.85 15.63 -3.37
C LYS A 189 31.69 14.14 -3.62
N TYR A 190 30.96 13.45 -2.76
CA TYR A 190 30.71 12.02 -2.91
C TYR A 190 29.23 11.73 -2.79
N LYS A 191 28.66 11.08 -3.82
CA LYS A 191 27.30 10.56 -3.68
C LYS A 191 27.27 9.45 -2.63
N PRO A 192 26.12 9.19 -2.01
CA PRO A 192 26.00 7.96 -1.23
C PRO A 192 26.15 6.74 -2.14
N VAL A 193 26.93 5.77 -1.69
CA VAL A 193 27.04 4.56 -2.50
C VAL A 193 25.82 3.69 -2.37
N CYS A 194 25.10 3.82 -1.25
CA CYS A 194 23.97 2.95 -1.01
C CYS A 194 22.95 3.63 -0.13
N ASN A 195 21.76 3.04 -0.12
CA ASN A 195 20.70 3.39 0.81
C ASN A 195 20.25 2.07 1.37
N GLN A 196 20.56 1.82 2.66
CA GLN A 196 20.13 0.60 3.32
C GLN A 196 18.73 0.78 3.92
N VAL A 197 17.75 0.02 3.39
CA VAL A 197 16.34 0.22 3.77
C VAL A 197 15.64 -1.11 3.98
N GLU A 198 14.48 -1.04 4.68
CA GLU A 198 13.69 -2.25 4.85
C GLU A 198 13.20 -2.72 3.47
N CYS A 199 13.40 -4.01 3.15
CA CYS A 199 13.02 -4.45 1.80
C CYS A 199 12.85 -5.96 1.79
N HIS A 200 11.67 -6.45 1.40
CA HIS A 200 11.34 -7.87 1.45
C HIS A 200 10.09 -8.00 0.56
N PRO A 201 9.61 -9.20 0.30
CA PRO A 201 8.47 -9.30 -0.60
C PRO A 201 7.20 -8.61 -0.11
N TYR A 202 7.01 -8.32 1.20
CA TYR A 202 5.81 -7.63 1.60
C TYR A 202 5.99 -6.13 1.56
N PHE A 203 7.17 -5.67 1.19
CA PHE A 203 7.50 -4.25 1.09
C PHE A 203 8.69 -4.18 0.15
N ASN A 204 8.47 -4.27 -1.15
CA ASN A 204 9.58 -4.58 -2.02
C ASN A 204 10.31 -3.35 -2.54
N ARG A 205 9.80 -2.14 -2.26
CA ARG A 205 10.51 -0.88 -2.53
C ARG A 205 10.78 -0.68 -4.01
N SER A 206 9.89 -1.18 -4.87
CA SER A 206 10.19 -1.11 -6.31
C SER A 206 10.37 0.34 -6.76
N LYS A 207 9.55 1.28 -6.26
CA LYS A 207 9.72 2.67 -6.65
C LYS A 207 11.07 3.23 -6.20
N LEU A 208 11.43 2.98 -4.96
CA LEU A 208 12.73 3.49 -4.50
C LEU A 208 13.87 2.80 -5.21
N LEU A 209 13.70 1.50 -5.49
CA LEU A 209 14.75 0.81 -6.21
C LEU A 209 14.96 1.39 -7.59
N ASP A 210 13.88 1.68 -8.33
CA ASP A 210 14.09 2.27 -9.65
C ASP A 210 14.77 3.64 -9.54
N PHE A 211 14.41 4.42 -8.53
CA PHE A 211 15.08 5.71 -8.34
C PHE A 211 16.56 5.50 -8.07
N CYS A 212 16.88 4.61 -7.12
CA CYS A 212 18.29 4.37 -6.80
C CYS A 212 19.09 3.87 -8.00
N LYS A 213 18.52 2.93 -8.77
CA LYS A 213 19.18 2.45 -9.96
C LYS A 213 19.51 3.59 -10.92
N SER A 214 18.59 4.56 -11.05
CA SER A 214 18.84 5.67 -11.97
C SER A 214 19.97 6.57 -11.49
N LYS A 215 20.27 6.54 -10.19
CA LYS A 215 21.34 7.36 -9.65
C LYS A 215 22.60 6.58 -9.32
N ASP A 216 22.67 5.30 -9.72
CA ASP A 216 23.80 4.40 -9.41
C ASP A 216 24.02 4.31 -7.90
N ILE A 217 22.92 4.23 -7.16
CA ILE A 217 22.96 4.03 -5.71
C ILE A 217 22.47 2.62 -5.46
N VAL A 218 23.24 1.82 -4.71
CA VAL A 218 22.83 0.45 -4.44
C VAL A 218 21.77 0.45 -3.35
N LEU A 219 20.67 -0.25 -3.55
CA LEU A 219 19.75 -0.47 -2.43
C LEU A 219 20.19 -1.73 -1.68
N VAL A 220 20.35 -1.61 -0.36
CA VAL A 220 20.72 -2.71 0.51
C VAL A 220 19.51 -3.04 1.37
N ALA A 221 19.01 -4.27 1.24
CA ALA A 221 17.80 -4.72 1.91
C ALA A 221 18.09 -5.20 3.32
N TYR A 222 17.36 -4.65 4.28
CA TYR A 222 17.34 -5.22 5.61
C TYR A 222 15.95 -5.72 5.94
N SER A 223 15.90 -6.60 6.95
CA SER A 223 14.69 -7.32 7.31
C SER A 223 14.20 -8.10 6.08
N ALA A 224 15.16 -8.58 5.27
CA ALA A 224 14.83 -9.27 4.05
C ALA A 224 14.21 -10.62 4.31
N LEU A 225 14.34 -11.14 5.53
CA LEU A 225 13.67 -12.36 5.94
C LEU A 225 12.47 -12.09 6.82
N GLY A 226 12.00 -10.82 6.89
CA GLY A 226 10.80 -10.49 7.63
C GLY A 226 11.01 -9.94 9.02
N SER A 227 12.25 -9.62 9.39
CA SER A 227 12.64 -9.07 10.68
C SER A 227 12.63 -10.08 11.80
N GLN A 228 13.18 -9.68 12.92
CA GLN A 228 13.23 -10.52 14.11
C GLN A 228 11.94 -10.46 14.90
N ARG A 229 10.99 -9.63 14.45
CA ARG A 229 9.66 -9.52 15.07
C ARG A 229 9.76 -9.24 16.56
N ASP A 230 10.67 -8.33 16.93
CA ASP A 230 10.82 -7.89 18.30
C ASP A 230 9.54 -7.23 18.76
N LYS A 231 9.00 -7.67 19.90
CA LYS A 231 7.72 -7.12 20.35
C LYS A 231 7.84 -5.63 20.65
N ARG A 232 9.05 -5.14 20.90
CA ARG A 232 9.21 -3.74 21.20
C ARG A 232 8.97 -2.84 19.99
N TRP A 233 9.09 -3.39 18.76
CA TRP A 233 9.07 -2.58 17.55
C TRP A 233 8.26 -3.19 16.41
N VAL A 234 7.61 -4.35 16.61
CA VAL A 234 6.89 -5.06 15.55
C VAL A 234 5.56 -5.55 16.09
N ASP A 235 4.47 -5.26 15.38
CA ASP A 235 3.17 -5.71 15.85
C ASP A 235 3.10 -7.22 15.73
N PRO A 236 2.76 -7.95 16.80
CA PRO A 236 2.70 -9.42 16.71
C PRO A 236 1.69 -9.93 15.69
N ASN A 237 0.67 -9.14 15.35
CA ASN A 237 -0.33 -9.58 14.40
C ASN A 237 0.11 -9.37 12.95
N SER A 238 1.26 -8.75 12.72
CA SER A 238 1.69 -8.58 11.35
C SER A 238 2.00 -9.96 10.75
N PRO A 239 1.76 -10.12 9.45
CA PRO A 239 1.99 -11.43 8.85
C PRO A 239 3.45 -11.78 8.90
N VAL A 240 3.69 -13.08 9.02
CA VAL A 240 5.03 -13.67 9.09
C VAL A 240 5.50 -13.95 7.66
N LEU A 241 6.55 -13.24 7.24
CA LEU A 241 6.97 -13.29 5.85
C LEU A 241 7.30 -14.70 5.43
N LEU A 242 8.03 -15.43 6.24
CA LEU A 242 8.51 -16.75 5.82
C LEU A 242 7.41 -17.81 5.87
N GLU A 243 6.22 -17.48 6.36
CA GLU A 243 5.07 -18.38 6.24
C GLU A 243 4.22 -18.07 5.01
N ASP A 244 4.65 -17.13 4.16
CA ASP A 244 3.85 -16.74 2.98
C ASP A 244 3.64 -17.93 2.06
N PRO A 245 2.42 -18.17 1.61
CA PRO A 245 2.17 -19.39 0.80
C PRO A 245 2.91 -19.42 -0.52
N VAL A 246 3.12 -18.26 -1.15
CA VAL A 246 3.85 -18.21 -2.42
C VAL A 246 5.32 -18.52 -2.19
N LEU A 247 5.91 -17.93 -1.15
CA LEU A 247 7.30 -18.23 -0.84
C LEU A 247 7.47 -19.71 -0.49
N CYS A 248 6.53 -20.27 0.27
CA CYS A 248 6.62 -21.68 0.62
C CYS A 248 6.45 -22.58 -0.60
N ALA A 249 5.52 -22.24 -1.51
CA ALA A 249 5.35 -23.05 -2.71
C ALA A 249 6.57 -22.97 -3.59
N LEU A 250 7.21 -21.80 -3.66
CA LEU A 250 8.41 -21.71 -4.47
C LEU A 250 9.55 -22.46 -3.82
N ALA A 251 9.63 -22.45 -2.48
CA ALA A 251 10.67 -23.22 -1.81
C ALA A 251 10.52 -24.69 -2.12
N LYS A 252 9.27 -25.17 -2.17
CA LYS A 252 9.01 -26.58 -2.48
C LYS A 252 9.37 -26.91 -3.92
N LYS A 253 9.00 -26.03 -4.86
CA LYS A 253 9.38 -26.24 -6.24
C LYS A 253 10.89 -26.31 -6.39
N HIS A 254 11.62 -25.44 -5.72
CA HIS A 254 13.07 -25.40 -5.89
C HIS A 254 13.85 -26.30 -4.94
N LYS A 255 13.18 -26.99 -4.01
CA LYS A 255 13.85 -27.75 -2.96
C LYS A 255 14.81 -26.86 -2.19
N ARG A 256 14.34 -25.65 -1.89
CA ARG A 256 15.11 -24.73 -1.05
C ARG A 256 14.22 -24.39 0.13
N THR A 257 14.48 -23.27 0.80
CA THR A 257 13.68 -22.84 1.92
C THR A 257 13.05 -21.47 1.62
N PRO A 258 11.98 -21.09 2.32
CA PRO A 258 11.39 -19.78 2.09
C PRO A 258 12.41 -18.67 2.29
N ALA A 259 13.32 -18.81 3.27
CA ALA A 259 14.36 -17.77 3.45
C ALA A 259 15.22 -17.67 2.21
N LEU A 260 15.64 -18.81 1.67
CA LEU A 260 16.47 -18.75 0.48
C LEU A 260 15.74 -18.11 -0.70
N ILE A 261 14.43 -18.35 -0.84
CA ILE A 261 13.67 -17.72 -1.91
C ILE A 261 13.68 -16.20 -1.74
N ALA A 262 13.42 -15.75 -0.51
CA ALA A 262 13.40 -14.32 -0.20
C ALA A 262 14.75 -13.67 -0.47
N LEU A 263 15.84 -14.34 -0.11
CA LEU A 263 17.14 -13.75 -0.41
C LEU A 263 17.41 -13.72 -1.91
N ARG A 264 17.15 -14.84 -2.58
CA ARG A 264 17.47 -14.90 -4.02
C ARG A 264 16.64 -13.88 -4.80
N TYR A 265 15.41 -13.65 -4.37
CA TYR A 265 14.57 -12.60 -4.96
C TYR A 265 15.31 -11.28 -5.05
N GLN A 266 15.94 -10.87 -3.94
CA GLN A 266 16.65 -9.61 -3.93
C GLN A 266 17.85 -9.64 -4.87
N LEU A 267 18.64 -10.71 -4.81
CA LEU A 267 19.81 -10.75 -5.68
C LEU A 267 19.42 -10.59 -7.12
N GLN A 268 18.30 -11.19 -7.53
CA GLN A 268 17.98 -11.15 -8.95
C GLN A 268 17.39 -9.83 -9.41
N ARG A 269 17.02 -8.94 -8.49
CA ARG A 269 16.51 -7.63 -8.89
C ARG A 269 17.55 -6.56 -8.64
N GLY A 270 18.82 -6.97 -8.40
CA GLY A 270 19.87 -5.99 -8.25
C GLY A 270 19.98 -5.38 -6.87
N VAL A 271 19.40 -5.99 -5.85
CA VAL A 271 19.45 -5.50 -4.49
C VAL A 271 20.51 -6.29 -3.73
N VAL A 272 21.39 -5.59 -2.97
CA VAL A 272 22.31 -6.29 -2.07
C VAL A 272 21.50 -6.66 -0.85
N VAL A 273 21.69 -7.87 -0.30
CA VAL A 273 20.78 -8.37 0.73
C VAL A 273 21.54 -8.73 2.00
N LEU A 274 21.02 -8.28 3.12
CA LEU A 274 21.54 -8.71 4.42
C LEU A 274 20.72 -9.89 4.94
N ALA A 275 21.35 -10.71 5.79
CA ALA A 275 20.57 -11.74 6.45
C ALA A 275 21.14 -11.92 7.84
N LYS A 276 20.33 -11.75 8.86
CA LYS A 276 20.78 -12.05 10.21
C LYS A 276 20.45 -13.48 10.58
N SER A 277 21.43 -14.22 11.15
CA SER A 277 21.08 -15.43 11.88
C SER A 277 22.11 -15.63 12.96
N TYR A 278 21.66 -16.03 14.14
CA TYR A 278 22.56 -16.41 15.19
C TYR A 278 22.55 -17.92 15.37
N ASN A 279 22.09 -18.64 14.34
CA ASN A 279 22.04 -20.11 14.37
C ASN A 279 23.04 -20.65 13.35
N GLU A 280 23.99 -21.52 13.79
CA GLU A 280 25.06 -21.96 12.89
C GLU A 280 24.48 -22.59 11.61
N GLN A 281 23.45 -23.41 11.75
CA GLN A 281 22.94 -24.08 10.55
C GLN A 281 22.22 -23.13 9.60
N ARG A 282 21.48 -22.13 10.12
CA ARG A 282 20.85 -21.20 9.18
C ARG A 282 21.88 -20.22 8.58
N ILE A 283 22.93 -19.86 9.33
CA ILE A 283 24.00 -19.07 8.74
C ILE A 283 24.57 -19.75 7.51
N ARG A 284 24.88 -21.04 7.64
CA ARG A 284 25.46 -21.81 6.53
C ARG A 284 24.45 -22.00 5.42
N GLN A 285 23.17 -22.17 5.77
CA GLN A 285 22.14 -22.30 4.75
C GLN A 285 22.02 -21.05 3.89
N ASN A 286 22.11 -19.86 4.50
CA ASN A 286 21.88 -18.64 3.73
C ASN A 286 22.92 -18.41 2.65
N VAL A 287 24.14 -18.92 2.81
CA VAL A 287 25.14 -18.79 1.75
C VAL A 287 24.74 -19.62 0.51
N GLN A 288 23.81 -20.57 0.64
CA GLN A 288 23.35 -21.34 -0.51
C GLN A 288 22.47 -20.53 -1.46
N VAL A 289 22.24 -19.25 -1.18
CA VAL A 289 21.49 -18.41 -2.11
C VAL A 289 22.19 -18.36 -3.45
N PHE A 290 23.50 -18.62 -3.48
CA PHE A 290 24.17 -18.55 -4.77
C PHE A 290 24.03 -19.83 -5.58
N GLU A 291 23.37 -20.85 -5.05
CA GLU A 291 23.39 -22.17 -5.68
C GLU A 291 22.23 -22.41 -6.64
N PHE A 292 21.25 -21.49 -6.70
CA PHE A 292 20.08 -21.77 -7.50
C PHE A 292 19.55 -20.46 -8.05
N GLN A 293 18.61 -20.56 -8.96
CA GLN A 293 18.07 -19.37 -9.62
C GLN A 293 16.55 -19.43 -9.67
N LEU A 294 15.91 -18.28 -9.56
CA LEU A 294 14.46 -18.11 -9.76
C LEU A 294 14.19 -17.82 -11.22
N THR A 295 13.09 -18.33 -11.73
CA THR A 295 12.73 -17.99 -13.10
C THR A 295 12.06 -16.63 -13.14
N ALA A 296 11.95 -16.07 -14.35
CA ALA A 296 11.26 -14.79 -14.47
C ALA A 296 9.80 -14.89 -14.01
N GLU A 297 9.15 -16.04 -14.21
CA GLU A 297 7.81 -16.24 -13.67
C GLU A 297 7.80 -16.27 -12.15
N ASP A 298 8.80 -16.92 -11.55
CA ASP A 298 8.92 -16.88 -10.10
C ASP A 298 9.07 -15.45 -9.60
N MET A 299 9.91 -14.65 -10.27
CA MET A 299 10.10 -13.29 -9.81
C MET A 299 8.82 -12.49 -9.88
N LYS A 300 8.03 -12.71 -10.93
CA LYS A 300 6.79 -11.94 -11.03
C LYS A 300 5.83 -12.34 -9.93
N ALA A 301 5.79 -13.64 -9.58
CA ALA A 301 4.90 -14.07 -8.50
C ALA A 301 5.29 -13.43 -7.16
N ILE A 302 6.60 -13.36 -6.89
CA ILE A 302 7.06 -12.68 -5.67
C ILE A 302 6.77 -11.18 -5.74
N ASP A 303 6.96 -10.55 -6.91
CA ASP A 303 6.64 -9.12 -7.04
C ASP A 303 5.19 -8.86 -6.65
N GLY A 304 4.33 -9.85 -6.84
CA GLY A 304 2.92 -9.68 -6.49
C GLY A 304 2.60 -9.71 -5.02
N LEU A 305 3.58 -9.94 -4.17
CA LEU A 305 3.28 -10.10 -2.74
C LEU A 305 3.28 -8.78 -1.97
N ASP A 306 3.73 -7.70 -2.58
CA ASP A 306 3.95 -6.47 -1.82
C ASP A 306 2.64 -6.01 -1.15
N ARG A 307 2.71 -5.64 0.12
CA ARG A 307 1.53 -5.11 0.81
C ARG A 307 1.83 -3.84 1.56
N ASN A 308 2.92 -3.17 1.19
CA ASN A 308 3.39 -1.96 1.88
C ASN A 308 3.47 -2.21 3.39
N LEU A 309 4.01 -3.36 3.76
CA LEU A 309 4.05 -3.74 5.18
C LEU A 309 5.43 -3.40 5.76
N HIS A 310 5.47 -2.50 6.74
CA HIS A 310 6.72 -2.04 7.36
C HIS A 310 6.84 -2.72 8.72
N TYR A 311 7.79 -3.65 8.85
CA TYR A 311 8.02 -4.21 10.17
C TYR A 311 8.63 -3.14 11.06
N PHE A 312 9.52 -2.31 10.52
CA PHE A 312 10.09 -1.18 11.29
C PHE A 312 9.32 0.05 10.88
N ASN A 313 8.15 0.19 11.49
CA ASN A 313 7.33 1.32 11.10
C ASN A 313 7.64 2.54 11.94
N SER A 314 8.23 2.35 13.12
CA SER A 314 8.63 3.46 13.98
C SER A 314 7.45 4.39 14.25
N ASP A 315 6.35 3.77 14.72
CA ASP A 315 5.04 4.45 14.84
C ASP A 315 5.11 5.64 15.78
N SER A 316 5.79 5.49 16.92
CA SER A 316 5.90 6.61 17.84
C SER A 316 6.78 7.74 17.31
N PHE A 317 7.38 7.58 16.13
CA PHE A 317 8.25 8.59 15.56
C PHE A 317 7.65 9.23 14.31
N ALA A 318 6.37 8.92 14.01
CA ALA A 318 5.71 9.43 12.81
C ALA A 318 5.67 10.94 12.79
N SER A 319 5.77 11.59 13.96
CA SER A 319 5.79 13.03 14.05
C SER A 319 7.18 13.63 13.89
N HIS A 320 8.23 12.82 13.77
CA HIS A 320 9.54 13.39 13.48
C HIS A 320 9.50 14.02 12.10
N PRO A 321 10.00 15.25 11.94
CA PRO A 321 10.01 15.89 10.61
C PRO A 321 10.68 15.08 9.55
N ASN A 322 11.68 14.26 9.91
CA ASN A 322 12.42 13.45 8.95
C ASN A 322 11.94 12.00 8.89
N TYR A 323 10.77 11.69 9.47
CA TYR A 323 10.23 10.36 9.38
C TYR A 323 10.11 9.93 7.93
N PRO A 324 10.71 8.82 7.52
CA PRO A 324 10.82 8.57 6.09
C PRO A 324 9.53 8.17 5.43
N TYR A 325 8.53 7.69 6.18
CA TYR A 325 7.30 7.18 5.55
C TYR A 325 6.19 8.23 5.55
N SER A 326 6.54 9.50 5.41
CA SER A 326 5.54 10.56 5.25
C SER A 326 5.10 10.64 3.78
N GLN B 12 -17.92 -8.57 -20.41
CA GLN B 12 -18.22 -7.51 -21.36
C GLN B 12 -18.64 -6.21 -20.67
N CYS B 13 -18.83 -5.24 -21.53
CA CYS B 13 -18.78 -3.85 -21.12
C CYS B 13 -19.90 -3.08 -21.78
N VAL B 14 -20.17 -1.93 -21.22
CA VAL B 14 -21.10 -0.96 -21.80
C VAL B 14 -20.28 0.26 -22.25
N LYS B 15 -20.64 0.82 -23.40
CA LYS B 15 -19.97 2.04 -23.86
C LYS B 15 -20.58 3.25 -23.15
N LEU B 16 -19.73 4.09 -22.56
CA LEU B 16 -20.20 5.25 -21.83
C LEU B 16 -20.34 6.41 -22.79
N ASN B 17 -21.07 7.46 -22.34
CA ASN B 17 -21.36 8.57 -23.24
C ASN B 17 -20.11 9.42 -23.56
N ASP B 18 -18.96 9.16 -22.95
CA ASP B 18 -17.71 9.80 -23.36
C ASP B 18 -16.81 8.88 -24.17
N GLY B 19 -17.30 7.73 -24.61
CA GLY B 19 -16.51 6.84 -25.43
C GLY B 19 -15.74 5.78 -24.70
N HIS B 20 -15.56 5.90 -23.40
CA HIS B 20 -14.88 4.89 -22.62
C HIS B 20 -15.82 3.71 -22.33
N PHE B 21 -15.22 2.59 -21.92
CA PHE B 21 -15.98 1.37 -21.67
C PHE B 21 -15.95 0.99 -20.19
N MET B 22 -17.09 0.53 -19.70
CA MET B 22 -17.28 0.08 -18.29
C MET B 22 -17.70 -1.37 -18.23
N PRO B 23 -16.95 -2.23 -17.50
CA PRO B 23 -17.42 -3.62 -17.34
C PRO B 23 -18.74 -3.64 -16.58
N VAL B 24 -19.65 -4.50 -17.04
CA VAL B 24 -21.01 -4.45 -16.50
C VAL B 24 -21.15 -5.10 -15.15
N LEU B 25 -20.16 -5.89 -14.73
CA LEU B 25 -20.16 -6.41 -13.35
C LEU B 25 -18.99 -5.79 -12.58
N GLY B 26 -19.28 -5.21 -11.42
CA GLY B 26 -18.25 -4.55 -10.63
C GLY B 26 -18.12 -5.19 -9.26
N PHE B 27 -16.92 -5.10 -8.68
CA PHE B 27 -16.65 -5.61 -7.32
C PHE B 27 -16.80 -4.47 -6.31
N GLY B 28 -17.68 -4.65 -5.34
CA GLY B 28 -17.85 -3.65 -4.26
C GLY B 28 -16.86 -3.92 -3.14
N THR B 29 -16.20 -2.87 -2.67
CA THR B 29 -15.10 -3.03 -1.71
C THR B 29 -15.41 -2.51 -0.31
N TYR B 30 -16.58 -1.88 -0.06
CA TYR B 30 -16.86 -1.40 1.29
C TYR B 30 -16.93 -2.53 2.32
N ALA B 31 -16.18 -2.37 3.41
CA ALA B 31 -16.33 -3.21 4.59
C ALA B 31 -16.35 -2.30 5.82
N PRO B 32 -17.14 -2.68 6.81
CA PRO B 32 -17.25 -1.92 8.07
C PRO B 32 -15.89 -1.77 8.75
N PRO B 33 -15.73 -0.74 9.59
CA PRO B 33 -14.42 -0.48 10.20
C PRO B 33 -13.90 -1.60 11.09
N GLU B 34 -14.75 -2.53 11.54
CA GLU B 34 -14.30 -3.63 12.35
C GLU B 34 -13.55 -4.69 11.53
N VAL B 35 -13.67 -4.65 10.21
CA VAL B 35 -12.95 -5.59 9.34
C VAL B 35 -11.52 -5.06 9.15
N PRO B 36 -10.49 -5.88 9.34
CA PRO B 36 -9.13 -5.35 9.25
C PRO B 36 -8.88 -4.83 7.85
N ARG B 37 -8.12 -3.75 7.77
CA ARG B 37 -7.79 -3.13 6.50
C ARG B 37 -7.13 -4.10 5.54
N SER B 38 -6.31 -5.03 6.07
CA SER B 38 -5.62 -5.95 5.17
C SER B 38 -6.59 -6.81 4.37
N LYS B 39 -7.81 -7.01 4.86
CA LYS B 39 -8.76 -7.88 4.14
C LYS B 39 -9.11 -7.31 2.75
N ALA B 40 -9.24 -5.98 2.63
CA ALA B 40 -9.52 -5.38 1.30
C ALA B 40 -8.46 -5.74 0.26
N LEU B 41 -7.19 -5.80 0.68
CA LEU B 41 -6.16 -6.22 -0.25
C LEU B 41 -6.35 -7.68 -0.69
N GLU B 42 -6.54 -8.58 0.29
CA GLU B 42 -6.76 -10.00 0.03
C GLU B 42 -7.93 -10.22 -0.91
N VAL B 43 -9.07 -9.59 -0.62
CA VAL B 43 -10.26 -9.97 -1.36
C VAL B 43 -10.29 -9.28 -2.72
N THR B 44 -9.70 -8.08 -2.87
CA THR B 44 -9.64 -7.49 -4.21
C THR B 44 -8.76 -8.32 -5.13
N LYS B 45 -7.66 -8.88 -4.59
CA LYS B 45 -6.88 -9.79 -5.42
C LYS B 45 -7.72 -11.00 -5.79
N LEU B 46 -8.51 -11.54 -4.84
CA LEU B 46 -9.34 -12.71 -5.15
C LEU B 46 -10.38 -12.35 -6.21
N ALA B 47 -10.91 -11.13 -6.14
CA ALA B 47 -11.90 -10.74 -7.12
C ALA B 47 -11.29 -10.63 -8.51
N ILE B 48 -10.11 -10.04 -8.64
CA ILE B 48 -9.46 -9.97 -9.95
C ILE B 48 -9.15 -11.37 -10.46
N GLU B 49 -8.70 -12.25 -9.56
CA GLU B 49 -8.39 -13.61 -9.94
C GLU B 49 -9.65 -14.34 -10.43
N ALA B 50 -10.82 -14.02 -9.86
CA ALA B 50 -12.08 -14.65 -10.23
C ALA B 50 -12.60 -14.12 -11.56
N GLY B 51 -12.14 -12.95 -11.99
CA GLY B 51 -12.55 -12.42 -13.28
C GLY B 51 -13.15 -11.04 -13.20
N PHE B 52 -13.34 -10.46 -12.02
CA PHE B 52 -13.76 -9.06 -11.92
C PHE B 52 -12.73 -8.12 -12.51
N ARG B 53 -13.20 -7.14 -13.30
CA ARG B 53 -12.29 -6.17 -13.91
C ARG B 53 -12.72 -4.75 -13.56
N HIS B 54 -13.81 -4.61 -12.85
CA HIS B 54 -14.35 -3.29 -12.42
C HIS B 54 -14.35 -3.33 -10.90
N ILE B 55 -13.65 -2.37 -10.26
CA ILE B 55 -13.47 -2.36 -8.82
C ILE B 55 -13.98 -1.01 -8.28
N ASP B 56 -14.85 -1.03 -7.29
CA ASP B 56 -15.53 0.20 -6.81
C ASP B 56 -14.99 0.50 -5.43
N SER B 57 -14.34 1.67 -5.29
CA SER B 57 -13.83 2.10 -3.97
C SER B 57 -14.29 3.55 -3.77
N ALA B 58 -13.75 4.21 -2.74
CA ALA B 58 -14.20 5.56 -2.39
C ALA B 58 -13.30 6.07 -1.28
N HIS B 59 -13.16 7.40 -1.19
CA HIS B 59 -12.43 7.93 -0.05
C HIS B 59 -13.10 7.47 1.26
N LEU B 60 -14.42 7.46 1.28
CA LEU B 60 -15.13 7.09 2.50
C LEU B 60 -14.70 5.75 3.08
N TYR B 61 -14.33 4.80 2.19
CA TYR B 61 -14.17 3.42 2.60
C TYR B 61 -12.88 3.17 3.36
N ASN B 62 -11.96 4.16 3.38
CA ASN B 62 -10.69 3.98 4.06
C ASN B 62 -9.97 2.72 3.61
N ASN B 63 -10.00 2.43 2.29
CA ASN B 63 -9.39 1.19 1.80
C ASN B 63 -8.63 1.41 0.49
N GLU B 64 -8.45 2.67 0.05
CA GLU B 64 -7.85 2.91 -1.28
C GLU B 64 -6.40 2.43 -1.33
N GLU B 65 -5.64 2.53 -0.23
CA GLU B 65 -4.28 1.97 -0.27
C GLU B 65 -4.32 0.48 -0.56
N GLN B 66 -5.21 -0.23 0.11
CA GLN B 66 -5.25 -1.68 -0.01
C GLN B 66 -5.81 -2.11 -1.35
N VAL B 67 -6.90 -1.49 -1.82
CA VAL B 67 -7.40 -1.83 -3.14
C VAL B 67 -6.36 -1.53 -4.20
N GLY B 68 -5.67 -0.40 -4.05
CA GLY B 68 -4.67 -0.04 -5.04
C GLY B 68 -3.51 -1.04 -5.04
N LEU B 69 -3.12 -1.50 -3.85
CA LEU B 69 -2.08 -2.53 -3.75
C LEU B 69 -2.53 -3.81 -4.44
N ALA B 70 -3.82 -4.14 -4.32
CA ALA B 70 -4.30 -5.35 -4.99
C ALA B 70 -4.20 -5.21 -6.51
N ILE B 71 -4.63 -4.07 -7.05
CA ILE B 71 -4.49 -3.85 -8.49
C ILE B 71 -3.03 -3.92 -8.91
N ARG B 72 -2.15 -3.25 -8.16
CA ARG B 72 -0.72 -3.31 -8.51
C ARG B 72 -0.15 -4.73 -8.42
N SER B 73 -0.62 -5.52 -7.43
CA SER B 73 -0.15 -6.90 -7.28
C SER B 73 -0.49 -7.72 -8.52
N LYS B 74 -1.71 -7.53 -9.06
CA LYS B 74 -2.13 -8.34 -10.19
C LYS B 74 -1.56 -7.82 -11.49
N ILE B 75 -1.10 -6.58 -11.50
CA ILE B 75 -0.30 -6.13 -12.63
C ILE B 75 1.11 -6.69 -12.51
N ALA B 76 1.69 -6.60 -11.30
CA ALA B 76 3.07 -7.07 -11.12
C ALA B 76 3.22 -8.55 -11.42
N ASP B 77 2.22 -9.36 -11.07
CA ASP B 77 2.41 -10.78 -11.27
C ASP B 77 2.05 -11.22 -12.68
N GLY B 78 1.66 -10.27 -13.53
CA GLY B 78 1.41 -10.51 -14.95
C GLY B 78 -0.01 -10.86 -15.27
N SER B 79 -0.92 -10.79 -14.30
CA SER B 79 -2.26 -11.33 -14.54
C SER B 79 -3.09 -10.39 -15.42
N VAL B 80 -2.92 -9.08 -15.23
CA VAL B 80 -3.72 -8.08 -15.91
C VAL B 80 -2.80 -6.91 -16.22
N LYS B 81 -3.22 -6.08 -17.18
CA LYS B 81 -2.57 -4.79 -17.38
C LYS B 81 -3.43 -3.71 -16.77
N ARG B 82 -2.82 -2.58 -16.43
CA ARG B 82 -3.62 -1.49 -15.89
C ARG B 82 -4.84 -1.17 -16.76
N GLU B 83 -4.68 -1.18 -18.08
CA GLU B 83 -5.77 -0.83 -18.99
C GLU B 83 -6.90 -1.87 -19.00
N ASP B 84 -6.69 -3.04 -18.36
CA ASP B 84 -7.75 -4.06 -18.22
C ASP B 84 -8.56 -3.89 -16.97
N ILE B 85 -8.21 -2.94 -16.10
CA ILE B 85 -8.89 -2.76 -14.82
C ILE B 85 -9.64 -1.44 -14.91
N PHE B 86 -10.90 -1.45 -14.47
CA PHE B 86 -11.72 -0.24 -14.38
C PHE B 86 -11.84 0.06 -12.89
N TYR B 87 -11.20 1.12 -12.42
CA TYR B 87 -11.14 1.49 -11.01
C TYR B 87 -11.94 2.76 -10.78
N THR B 88 -12.89 2.70 -9.85
CA THR B 88 -13.70 3.87 -9.50
C THR B 88 -13.31 4.34 -8.11
N SER B 89 -13.25 5.67 -7.91
CA SER B 89 -13.21 6.21 -6.57
C SER B 89 -14.28 7.30 -6.53
N LYS B 90 -14.46 7.89 -5.36
CA LYS B 90 -15.54 8.87 -5.20
C LYS B 90 -15.03 9.98 -4.33
N LEU B 91 -15.52 11.16 -4.65
CA LEU B 91 -15.32 12.40 -3.89
C LEU B 91 -16.25 12.42 -2.70
N TRP B 92 -15.71 12.48 -1.46
CA TRP B 92 -16.62 12.46 -0.31
C TRP B 92 -17.22 13.86 -0.10
N SER B 93 -18.31 13.90 0.65
CA SER B 93 -19.18 15.07 0.73
C SER B 93 -18.56 16.25 1.48
N THR B 94 -17.47 16.03 2.19
CA THR B 94 -16.77 17.13 2.82
C THR B 94 -15.82 17.81 1.84
N PHE B 95 -15.80 17.38 0.58
CA PHE B 95 -14.89 17.90 -0.43
C PHE B 95 -15.65 18.45 -1.64
N HIS B 96 -16.91 18.84 -1.45
CA HIS B 96 -17.70 19.37 -2.56
C HIS B 96 -17.27 20.77 -2.99
N ARG B 97 -16.66 21.55 -2.10
CA ARG B 97 -16.29 22.89 -2.52
C ARG B 97 -15.26 22.78 -3.63
N PRO B 98 -15.39 23.53 -4.70
CA PRO B 98 -14.63 23.23 -5.93
C PRO B 98 -13.13 23.24 -5.76
N GLU B 99 -12.59 24.12 -4.91
CA GLU B 99 -11.12 24.08 -4.71
C GLU B 99 -10.63 22.82 -4.00
N LEU B 100 -11.52 22.01 -3.38
CA LEU B 100 -11.09 20.76 -2.72
C LEU B 100 -11.17 19.55 -3.63
N VAL B 101 -11.78 19.67 -4.80
CA VAL B 101 -12.06 18.48 -5.62
C VAL B 101 -10.78 17.86 -6.17
N ARG B 102 -10.00 18.64 -6.92
CA ARG B 102 -8.77 18.09 -7.47
C ARG B 102 -7.80 17.62 -6.41
N PRO B 103 -7.52 18.34 -5.33
CA PRO B 103 -6.66 17.75 -4.29
C PRO B 103 -7.20 16.47 -3.71
N ALA B 104 -8.53 16.35 -3.57
CA ALA B 104 -9.10 15.10 -3.09
C ALA B 104 -8.82 13.97 -4.06
N LEU B 105 -8.94 14.22 -5.36
CA LEU B 105 -8.65 13.13 -6.30
C LEU B 105 -7.17 12.81 -6.29
N GLU B 106 -6.33 13.84 -6.23
CA GLU B 106 -4.90 13.57 -6.19
C GLU B 106 -4.51 12.78 -4.94
N ASN B 107 -5.17 13.06 -3.82
CA ASN B 107 -4.94 12.25 -2.63
C ASN B 107 -5.37 10.81 -2.81
N SER B 108 -6.54 10.61 -3.40
CA SER B 108 -6.96 9.23 -3.71
C SER B 108 -5.96 8.50 -4.59
N LEU B 109 -5.43 9.20 -5.60
CA LEU B 109 -4.49 8.58 -6.52
C LEU B 109 -3.20 8.23 -5.80
N LYS B 110 -2.74 9.13 -4.94
CA LYS B 110 -1.52 8.87 -4.17
C LYS B 110 -1.70 7.68 -3.24
N LYS B 111 -2.83 7.59 -2.57
CA LYS B 111 -3.10 6.45 -1.71
C LYS B 111 -3.13 5.16 -2.50
N ALA B 112 -3.79 5.16 -3.65
CA ALA B 112 -3.89 3.92 -4.42
C ALA B 112 -2.64 3.62 -5.26
N GLN B 113 -1.68 4.55 -5.31
CA GLN B 113 -0.53 4.49 -6.21
C GLN B 113 -0.96 4.18 -7.66
N LEU B 114 -1.91 4.97 -8.15
CA LEU B 114 -2.37 4.92 -9.53
C LEU B 114 -2.17 6.27 -10.18
N ASP B 115 -1.99 6.31 -11.51
CA ASP B 115 -1.82 7.59 -12.20
C ASP B 115 -3.16 8.21 -12.54
N TYR B 116 -4.21 7.39 -12.60
CA TYR B 116 -5.52 7.88 -13.01
C TYR B 116 -6.55 6.89 -12.42
N VAL B 117 -7.78 7.38 -12.24
CA VAL B 117 -8.91 6.48 -12.00
C VAL B 117 -9.70 6.37 -13.29
N ASP B 118 -10.33 5.21 -13.52
CA ASP B 118 -11.22 5.14 -14.67
C ASP B 118 -12.48 5.96 -14.47
N LEU B 119 -12.93 6.07 -13.23
CA LEU B 119 -14.19 6.80 -12.96
C LEU B 119 -14.06 7.51 -11.62
N TYR B 120 -14.42 8.78 -11.59
CA TYR B 120 -14.48 9.51 -10.35
C TYR B 120 -15.90 10.02 -10.17
N LEU B 121 -16.53 9.71 -9.05
CA LEU B 121 -17.93 10.09 -8.81
C LEU B 121 -18.04 11.13 -7.70
N ILE B 122 -19.05 12.00 -7.79
CA ILE B 122 -19.55 12.64 -6.60
C ILE B 122 -20.32 11.59 -5.79
N HIS B 123 -19.88 11.31 -4.56
CA HIS B 123 -20.42 10.19 -3.80
C HIS B 123 -21.87 10.42 -3.40
N SER B 124 -22.26 11.66 -3.10
CA SER B 124 -23.59 11.97 -2.62
C SER B 124 -23.86 13.44 -2.89
N PRO B 125 -25.09 13.82 -3.18
CA PRO B 125 -25.39 15.26 -3.32
C PRO B 125 -25.43 16.02 -2.01
N MET B 126 -25.37 15.36 -0.85
CA MET B 126 -25.60 16.01 0.44
C MET B 126 -24.25 16.50 0.97
N SER B 127 -23.94 17.77 0.73
CA SER B 127 -22.66 18.34 1.12
C SER B 127 -22.54 18.50 2.64
N LEU B 128 -21.32 18.27 3.15
CA LEU B 128 -21.02 18.33 4.58
C LEU B 128 -19.91 19.35 4.81
N LYS B 129 -19.78 19.77 6.07
CA LYS B 129 -18.76 20.78 6.43
C LYS B 129 -17.36 20.33 6.05
N PRO B 130 -16.58 21.17 5.39
CA PRO B 130 -15.22 20.74 5.02
C PRO B 130 -14.30 20.60 6.23
N GLY B 131 -13.38 19.67 6.13
CA GLY B 131 -12.42 19.44 7.21
C GLY B 131 -11.92 18.01 7.19
N GLU B 132 -11.36 17.62 8.35
CA GLU B 132 -10.64 16.36 8.48
C GLU B 132 -11.55 15.18 8.80
N GLU B 133 -12.74 15.42 9.33
CA GLU B 133 -13.61 14.34 9.72
C GLU B 133 -14.52 13.99 8.56
N LEU B 134 -14.71 12.68 8.35
CA LEU B 134 -15.69 12.21 7.38
C LEU B 134 -17.10 12.61 7.77
N SER B 135 -17.39 12.65 9.08
CA SER B 135 -18.73 12.93 9.60
C SER B 135 -18.61 14.07 10.60
N PRO B 136 -18.40 15.30 10.12
CA PRO B 136 -18.30 16.47 11.02
C PRO B 136 -19.55 16.63 11.85
N THR B 137 -19.37 16.72 13.16
CA THR B 137 -20.46 16.61 14.12
C THR B 137 -20.37 17.79 15.07
N ASP B 138 -21.51 18.43 15.37
CA ASP B 138 -21.47 19.63 16.19
C ASP B 138 -21.67 19.28 17.67
N GLU B 139 -21.77 20.30 18.50
CA GLU B 139 -21.82 20.09 19.94
C GLU B 139 -23.12 19.48 20.40
N ASN B 140 -24.13 19.40 19.53
CA ASN B 140 -25.36 18.72 19.84
C ASN B 140 -25.46 17.34 19.20
N GLY B 141 -24.35 16.84 18.68
CA GLY B 141 -24.23 15.52 18.12
C GLY B 141 -24.82 15.40 16.73
N LYS B 142 -25.13 16.53 16.10
CA LYS B 142 -25.69 16.57 14.75
C LYS B 142 -24.60 16.72 13.70
N VAL B 143 -24.74 15.96 12.62
CA VAL B 143 -23.83 16.10 11.48
C VAL B 143 -24.05 17.47 10.85
N ILE B 144 -22.94 18.10 10.44
CA ILE B 144 -22.96 19.50 10.03
C ILE B 144 -23.03 19.54 8.50
N PHE B 145 -24.11 20.12 8.01
CA PHE B 145 -24.28 20.25 6.57
C PHE B 145 -23.47 21.46 6.03
N ASP B 146 -23.23 21.44 4.71
CA ASP B 146 -22.66 22.59 3.99
C ASP B 146 -23.59 22.88 2.81
N ILE B 147 -23.60 24.13 2.37
CA ILE B 147 -24.36 24.51 1.18
C ILE B 147 -23.37 24.75 0.08
N VAL B 148 -23.46 23.95 -1.00
CA VAL B 148 -22.54 24.07 -2.13
C VAL B 148 -23.36 23.94 -3.40
N ASP B 149 -23.07 24.80 -4.36
CA ASP B 149 -23.68 24.67 -5.67
C ASP B 149 -23.02 23.50 -6.40
N LEU B 150 -23.76 22.42 -6.60
CA LEU B 150 -23.11 21.21 -7.09
C LEU B 150 -22.72 21.39 -8.54
N CYS B 151 -23.27 22.39 -9.23
CA CYS B 151 -22.76 22.69 -10.57
C CYS B 151 -21.33 23.16 -10.51
N THR B 152 -20.93 23.84 -9.42
CA THR B 152 -19.52 24.21 -9.33
C THR B 152 -18.63 23.04 -8.96
N THR B 153 -19.12 22.12 -8.09
CA THR B 153 -18.44 20.85 -7.90
C THR B 153 -18.27 20.12 -9.23
N TRP B 154 -19.33 20.06 -10.04
CA TRP B 154 -19.24 19.38 -11.33
C TRP B 154 -18.21 20.04 -12.24
N GLU B 155 -18.16 21.38 -12.27
CA GLU B 155 -17.12 22.03 -13.09
C GLU B 155 -15.74 21.62 -12.65
N ALA B 156 -15.52 21.45 -11.33
CA ALA B 156 -14.19 21.02 -10.88
C ALA B 156 -13.93 19.54 -11.24
N MET B 157 -14.95 18.71 -11.18
CA MET B 157 -14.85 17.32 -11.69
C MET B 157 -14.47 17.28 -13.17
N GLU B 158 -15.08 18.17 -13.97
CA GLU B 158 -14.78 18.25 -15.40
C GLU B 158 -13.31 18.56 -15.63
N LYS B 159 -12.72 19.42 -14.80
CA LYS B 159 -11.32 19.76 -14.97
C LYS B 159 -10.40 18.58 -14.64
N CYS B 160 -10.84 17.70 -13.73
CA CYS B 160 -10.13 16.44 -13.45
C CYS B 160 -10.14 15.51 -14.66
N LYS B 161 -11.26 15.42 -15.36
CA LYS B 161 -11.26 14.67 -16.61
C LYS B 161 -10.36 15.35 -17.64
N ASP B 162 -10.43 16.69 -17.74
CA ASP B 162 -9.60 17.45 -18.70
C ASP B 162 -8.14 17.13 -18.48
N ALA B 163 -7.72 17.02 -17.22
CA ALA B 163 -6.33 16.81 -16.84
C ALA B 163 -5.90 15.36 -16.96
N GLY B 164 -6.83 14.46 -17.29
CA GLY B 164 -6.47 13.06 -17.42
C GLY B 164 -6.42 12.29 -16.11
N LEU B 165 -6.78 12.91 -14.99
CA LEU B 165 -6.71 12.23 -13.72
C LEU B 165 -7.87 11.24 -13.54
N ALA B 166 -8.98 11.53 -14.18
CA ALA B 166 -10.13 10.64 -14.21
C ALA B 166 -10.46 10.42 -15.68
N LYS B 167 -10.53 9.17 -16.12
CA LYS B 167 -10.95 8.97 -17.52
C LYS B 167 -12.40 9.38 -17.75
N SER B 168 -13.28 9.06 -16.82
CA SER B 168 -14.69 9.42 -16.87
C SER B 168 -15.12 9.99 -15.52
N ILE B 169 -16.18 10.81 -15.53
CA ILE B 169 -16.74 11.34 -14.28
C ILE B 169 -18.23 11.09 -14.24
N GLY B 170 -18.76 10.89 -13.03
CA GLY B 170 -20.19 10.67 -12.90
C GLY B 170 -20.60 11.02 -11.48
N VAL B 171 -21.81 10.58 -11.10
CA VAL B 171 -22.39 10.95 -9.82
C VAL B 171 -23.00 9.72 -9.19
N SER B 172 -23.38 9.89 -7.94
CA SER B 172 -23.95 8.81 -7.15
C SER B 172 -25.02 9.41 -6.24
N ASN B 173 -26.13 8.66 -6.08
CA ASN B 173 -27.24 9.01 -5.22
C ASN B 173 -27.96 10.28 -5.66
N PHE B 174 -27.85 10.64 -6.95
CA PHE B 174 -28.64 11.77 -7.45
C PHE B 174 -30.03 11.33 -7.87
N ASN B 175 -30.98 12.24 -7.69
CA ASN B 175 -32.33 11.99 -8.17
C ASN B 175 -32.46 12.70 -9.50
N ARG B 176 -33.61 12.55 -10.17
CA ARG B 176 -33.75 13.11 -11.52
C ARG B 176 -33.55 14.63 -11.53
N ARG B 177 -34.13 15.33 -10.56
CA ARG B 177 -33.97 16.80 -10.50
C ARG B 177 -32.51 17.21 -10.31
N GLN B 178 -31.77 16.45 -9.49
CA GLN B 178 -30.34 16.74 -9.30
C GLN B 178 -29.55 16.44 -10.58
N LEU B 179 -29.89 15.37 -11.29
CA LEU B 179 -29.24 15.12 -12.57
C LEU B 179 -29.53 16.26 -13.52
N GLU B 180 -30.79 16.73 -13.56
CA GLU B 180 -31.17 17.81 -14.49
C GLU B 180 -30.42 19.09 -14.20
N MET B 181 -30.08 19.30 -12.93
CA MET B 181 -29.29 20.48 -12.58
C MET B 181 -27.95 20.46 -13.29
N ILE B 182 -27.32 19.26 -13.39
CA ILE B 182 -26.06 19.20 -14.09
C ILE B 182 -26.30 19.23 -15.57
N LEU B 183 -27.26 18.43 -16.04
CA LEU B 183 -27.43 18.26 -17.48
C LEU B 183 -27.78 19.57 -18.15
N ASN B 184 -28.48 20.44 -17.43
CA ASN B 184 -28.92 21.73 -17.98
C ASN B 184 -27.99 22.88 -17.65
N LYS B 185 -26.88 22.62 -17.00
CA LYS B 185 -25.93 23.67 -16.61
C LYS B 185 -25.38 24.38 -17.85
N PRO B 186 -25.42 25.71 -17.91
CA PRO B 186 -24.77 26.39 -19.04
C PRO B 186 -23.29 26.06 -19.11
N GLY B 187 -22.82 25.88 -20.34
CA GLY B 187 -21.41 25.60 -20.49
C GLY B 187 -20.97 24.19 -20.14
N LEU B 188 -21.90 23.25 -19.99
CA LEU B 188 -21.53 21.87 -19.63
C LEU B 188 -20.51 21.30 -20.62
N LYS B 189 -19.45 20.68 -20.11
CA LYS B 189 -18.43 20.01 -20.94
C LYS B 189 -18.68 18.53 -21.04
N TYR B 190 -19.07 17.92 -19.94
CA TYR B 190 -19.23 16.48 -19.94
C TYR B 190 -20.46 16.13 -19.14
N LYS B 191 -21.35 15.30 -19.70
CA LYS B 191 -22.41 14.74 -18.89
C LYS B 191 -21.81 13.73 -17.90
N PRO B 192 -22.51 13.44 -16.82
CA PRO B 192 -22.08 12.30 -16.01
C PRO B 192 -22.21 11.07 -16.87
N VAL B 193 -21.25 10.18 -16.77
CA VAL B 193 -21.42 8.92 -17.50
C VAL B 193 -22.38 7.99 -16.81
N CYS B 194 -22.58 8.15 -15.50
CA CYS B 194 -23.38 7.21 -14.74
C CYS B 194 -23.96 7.90 -13.53
N ASN B 195 -24.95 7.25 -12.95
CA ASN B 195 -25.48 7.64 -11.65
C ASN B 195 -25.51 6.35 -10.86
N GLN B 196 -24.64 6.23 -9.87
CA GLN B 196 -24.60 5.03 -9.04
C GLN B 196 -25.59 5.16 -7.88
N VAL B 197 -26.57 4.28 -7.83
CA VAL B 197 -27.68 4.45 -6.91
C VAL B 197 -28.08 3.10 -6.33
N GLU B 198 -28.82 3.15 -5.20
CA GLU B 198 -29.33 1.92 -4.60
C GLU B 198 -30.35 1.28 -5.55
N CYS B 199 -30.18 0.00 -5.87
CA CYS B 199 -31.06 -0.57 -6.87
C CYS B 199 -31.05 -2.08 -6.72
N HIS B 200 -32.25 -2.67 -6.51
CA HIS B 200 -32.41 -4.11 -6.29
C HIS B 200 -33.90 -4.39 -6.48
N PRO B 201 -34.33 -5.67 -6.46
CA PRO B 201 -35.75 -5.94 -6.76
C PRO B 201 -36.74 -5.30 -5.81
N TYR B 202 -36.37 -4.93 -4.58
CA TYR B 202 -37.32 -4.24 -3.71
C TYR B 202 -37.35 -2.74 -3.95
N PHE B 203 -36.40 -2.20 -4.75
CA PHE B 203 -36.34 -0.77 -5.02
C PHE B 203 -35.67 -0.69 -6.38
N ASN B 204 -36.45 -0.91 -7.44
CA ASN B 204 -35.77 -1.18 -8.70
C ASN B 204 -35.54 0.04 -9.59
N ARG B 205 -35.97 1.24 -9.17
CA ARG B 205 -35.59 2.48 -9.80
C ARG B 205 -36.02 2.54 -11.25
N SER B 206 -37.17 1.93 -11.59
CA SER B 206 -37.54 1.82 -13.01
C SER B 206 -37.70 3.19 -13.66
N LYS B 207 -38.29 4.16 -12.95
CA LYS B 207 -38.46 5.48 -13.57
C LYS B 207 -37.14 6.20 -13.74
N LEU B 208 -36.30 6.18 -12.71
CA LEU B 208 -34.97 6.80 -12.84
C LEU B 208 -34.14 6.12 -13.89
N LEU B 209 -34.29 4.79 -14.02
CA LEU B 209 -33.54 4.06 -15.05
C LEU B 209 -33.97 4.53 -16.44
N ASP B 210 -35.28 4.69 -16.66
CA ASP B 210 -35.75 5.15 -17.93
C ASP B 210 -35.26 6.56 -18.20
N PHE B 211 -35.25 7.41 -17.18
CA PHE B 211 -34.72 8.74 -17.37
C PHE B 211 -33.23 8.71 -17.72
N CYS B 212 -32.44 7.87 -17.03
CA CYS B 212 -31.02 7.80 -17.37
C CYS B 212 -30.82 7.28 -18.78
N LYS B 213 -31.58 6.25 -19.17
CA LYS B 213 -31.47 5.76 -20.53
C LYS B 213 -31.74 6.85 -21.54
N SER B 214 -32.72 7.70 -21.27
CA SER B 214 -33.06 8.78 -22.21
C SER B 214 -31.95 9.81 -22.35
N LYS B 215 -31.04 9.91 -21.39
CA LYS B 215 -29.94 10.87 -21.39
C LYS B 215 -28.60 10.22 -21.69
N ASP B 216 -28.57 8.95 -22.04
CA ASP B 216 -27.30 8.24 -22.30
C ASP B 216 -26.45 8.17 -21.02
N ILE B 217 -27.10 8.05 -19.86
CA ILE B 217 -26.41 7.88 -18.56
C ILE B 217 -26.63 6.44 -18.09
N VAL B 218 -25.54 5.77 -17.64
CA VAL B 218 -25.66 4.40 -17.16
C VAL B 218 -26.12 4.45 -15.71
N LEU B 219 -27.09 3.62 -15.35
CA LEU B 219 -27.40 3.41 -13.95
C LEU B 219 -26.50 2.27 -13.44
N VAL B 220 -25.82 2.52 -12.32
CA VAL B 220 -24.98 1.51 -11.67
C VAL B 220 -25.64 1.18 -10.35
N ALA B 221 -25.99 -0.09 -10.13
CA ALA B 221 -26.75 -0.51 -8.95
C ALA B 221 -25.80 -0.86 -7.81
N TYR B 222 -26.01 -0.25 -6.63
CA TYR B 222 -25.35 -0.74 -5.42
C TYR B 222 -26.41 -1.30 -4.49
N SER B 223 -25.94 -2.08 -3.50
CA SER B 223 -26.80 -2.85 -2.62
C SER B 223 -27.71 -3.73 -3.45
N ALA B 224 -27.20 -4.17 -4.60
CA ALA B 224 -27.98 -5.01 -5.49
C ALA B 224 -28.28 -6.39 -4.90
N LEU B 225 -27.54 -6.80 -3.88
CA LEU B 225 -27.78 -8.05 -3.17
C LEU B 225 -28.50 -7.79 -1.87
N GLY B 226 -29.04 -6.58 -1.70
CA GLY B 226 -29.78 -6.30 -0.50
C GLY B 226 -29.00 -5.66 0.62
N SER B 227 -27.80 -5.15 0.35
CA SER B 227 -26.94 -4.49 1.33
C SER B 227 -26.34 -5.39 2.38
N GLN B 228 -25.35 -4.85 3.08
CA GLN B 228 -24.72 -5.62 4.14
C GLN B 228 -25.51 -5.57 5.44
N ARG B 229 -26.64 -4.85 5.46
CA ARG B 229 -27.50 -4.85 6.65
C ARG B 229 -26.73 -4.42 7.89
N ASP B 230 -25.90 -3.40 7.75
CA ASP B 230 -25.15 -2.89 8.88
C ASP B 230 -26.13 -2.23 9.85
N LYS B 231 -26.11 -2.63 11.12
CA LYS B 231 -27.20 -2.14 11.95
C LYS B 231 -27.09 -0.65 12.26
N ARG B 232 -25.98 -0.02 11.94
CA ARG B 232 -25.92 1.42 12.11
C ARG B 232 -26.69 2.18 11.02
N TRP B 233 -26.97 1.56 9.88
CA TRP B 233 -27.50 2.27 8.70
C TRP B 233 -28.70 1.62 8.06
N VAL B 234 -29.03 0.39 8.42
CA VAL B 234 -30.13 -0.40 7.86
C VAL B 234 -30.94 -0.99 9.01
N ASP B 235 -32.32 -0.86 8.95
CA ASP B 235 -33.11 -1.38 10.09
C ASP B 235 -33.16 -2.90 10.09
N PRO B 236 -33.03 -3.56 11.27
CA PRO B 236 -32.98 -5.04 11.29
C PRO B 236 -34.24 -5.71 10.75
N ASN B 237 -35.37 -5.02 10.77
CA ASN B 237 -36.63 -5.61 10.35
C ASN B 237 -36.96 -5.30 8.91
N SER B 238 -36.05 -4.66 8.18
CA SER B 238 -36.25 -4.59 6.76
C SER B 238 -36.24 -6.01 6.19
N PRO B 239 -37.02 -6.27 5.16
CA PRO B 239 -36.92 -7.55 4.46
C PRO B 239 -35.49 -7.86 4.00
N VAL B 240 -35.14 -9.13 4.16
CA VAL B 240 -33.88 -9.68 3.67
C VAL B 240 -34.04 -10.08 2.21
N LEU B 241 -33.36 -9.36 1.29
CA LEU B 241 -33.59 -9.58 -0.13
C LEU B 241 -33.22 -11.00 -0.56
N LEU B 242 -32.07 -11.51 -0.09
CA LEU B 242 -31.58 -12.81 -0.57
C LEU B 242 -32.41 -13.96 -0.03
N GLU B 243 -33.34 -13.68 0.87
CA GLU B 243 -34.25 -14.73 1.31
C GLU B 243 -35.60 -14.65 0.65
N ASP B 244 -35.73 -13.78 -0.34
CA ASP B 244 -37.02 -13.59 -1.00
C ASP B 244 -37.52 -14.88 -1.66
N PRO B 245 -38.78 -15.27 -1.45
CA PRO B 245 -39.28 -16.53 -2.04
C PRO B 245 -39.27 -16.53 -3.56
N VAL B 246 -39.53 -15.39 -4.20
CA VAL B 246 -39.43 -15.34 -5.67
C VAL B 246 -37.99 -15.56 -6.12
N LEU B 247 -37.04 -14.85 -5.52
CA LEU B 247 -35.65 -15.09 -5.92
C LEU B 247 -35.25 -16.52 -5.66
N CYS B 248 -35.72 -17.09 -4.55
CA CYS B 248 -35.36 -18.45 -4.24
C CYS B 248 -35.97 -19.43 -5.22
N ALA B 249 -37.23 -19.23 -5.62
CA ALA B 249 -37.85 -20.13 -6.59
C ALA B 249 -37.13 -20.04 -7.93
N LEU B 250 -36.78 -18.81 -8.35
CA LEU B 250 -35.99 -18.66 -9.56
C LEU B 250 -34.64 -19.31 -9.42
N ALA B 251 -34.01 -19.21 -8.23
CA ALA B 251 -32.70 -19.86 -8.09
C ALA B 251 -32.83 -21.36 -8.28
N LYS B 252 -33.88 -21.96 -7.72
CA LYS B 252 -34.06 -23.40 -7.85
C LYS B 252 -34.33 -23.79 -9.31
N LYS B 253 -35.15 -23.00 -10.00
CA LYS B 253 -35.45 -23.23 -11.42
C LYS B 253 -34.19 -23.26 -12.28
N HIS B 254 -33.31 -22.27 -12.12
CA HIS B 254 -32.11 -22.17 -12.93
C HIS B 254 -30.90 -22.87 -12.32
N LYS B 255 -31.05 -23.54 -11.17
CA LYS B 255 -29.92 -24.16 -10.47
C LYS B 255 -28.81 -23.13 -10.26
N ARG B 256 -29.21 -21.98 -9.73
CA ARG B 256 -28.31 -20.88 -9.41
C ARG B 256 -28.49 -20.57 -7.92
N THR B 257 -28.15 -19.36 -7.48
CA THR B 257 -28.46 -18.91 -6.13
C THR B 257 -29.26 -17.62 -6.21
N PRO B 258 -29.97 -17.24 -5.14
CA PRO B 258 -30.68 -15.95 -5.12
C PRO B 258 -29.79 -14.76 -5.49
N ALA B 259 -28.55 -14.74 -5.02
CA ALA B 259 -27.66 -13.63 -5.35
C ALA B 259 -27.46 -13.56 -6.85
N LEU B 260 -27.21 -14.71 -7.50
CA LEU B 260 -27.03 -14.69 -8.96
C LEU B 260 -28.29 -14.26 -9.71
N ILE B 261 -29.46 -14.64 -9.22
CA ILE B 261 -30.69 -14.16 -9.84
C ILE B 261 -30.78 -12.64 -9.73
N ALA B 262 -30.44 -12.09 -8.56
CA ALA B 262 -30.57 -10.63 -8.37
C ALA B 262 -29.58 -9.86 -9.25
N LEU B 263 -28.37 -10.40 -9.46
CA LEU B 263 -27.37 -9.76 -10.34
C LEU B 263 -27.79 -9.90 -11.80
N ARG B 264 -28.26 -11.08 -12.21
CA ARG B 264 -28.65 -11.24 -13.60
C ARG B 264 -29.84 -10.35 -13.96
N TYR B 265 -30.77 -10.17 -13.01
CA TYR B 265 -31.89 -9.24 -13.20
C TYR B 265 -31.40 -7.88 -13.69
N GLN B 266 -30.40 -7.33 -13.02
CA GLN B 266 -29.92 -5.99 -13.37
C GLN B 266 -29.25 -6.02 -14.73
N LEU B 267 -28.44 -7.06 -15.00
CA LEU B 267 -27.78 -7.09 -16.31
C LEU B 267 -28.80 -7.09 -17.43
N GLN B 268 -29.94 -7.80 -17.26
CA GLN B 268 -30.86 -7.93 -18.40
C GLN B 268 -31.74 -6.72 -18.57
N ARG B 269 -31.72 -5.79 -17.61
CA ARG B 269 -32.47 -4.55 -17.79
C ARG B 269 -31.54 -3.38 -18.10
N GLY B 270 -30.28 -3.68 -18.43
CA GLY B 270 -29.31 -2.70 -18.88
C GLY B 270 -28.69 -1.91 -17.75
N VAL B 271 -28.68 -2.48 -16.55
CA VAL B 271 -28.08 -1.84 -15.36
C VAL B 271 -26.71 -2.47 -15.15
N VAL B 272 -25.70 -1.64 -14.87
CA VAL B 272 -24.40 -2.17 -14.46
C VAL B 272 -24.51 -2.48 -12.98
N VAL B 273 -23.97 -3.64 -12.56
CA VAL B 273 -24.29 -4.09 -11.22
C VAL B 273 -23.03 -4.29 -10.41
N LEU B 274 -22.99 -3.73 -9.19
CA LEU B 274 -21.92 -4.07 -8.27
C LEU B 274 -22.29 -5.24 -7.38
N ALA B 275 -21.27 -5.91 -6.85
CA ALA B 275 -21.55 -6.96 -5.87
C ALA B 275 -20.40 -6.96 -4.90
N LYS B 276 -20.67 -6.76 -3.61
CA LYS B 276 -19.61 -6.87 -2.63
C LYS B 276 -19.60 -8.26 -2.05
N SER B 277 -18.41 -8.85 -1.93
CA SER B 277 -18.28 -10.02 -1.07
C SER B 277 -16.85 -10.06 -0.55
N TYR B 278 -16.68 -10.37 0.73
CA TYR B 278 -15.34 -10.57 1.28
C TYR B 278 -15.09 -12.04 1.53
N ASN B 279 -15.90 -12.89 0.91
CA ASN B 279 -15.79 -14.33 1.04
C ASN B 279 -15.31 -14.92 -0.28
N GLU B 280 -14.23 -15.71 -0.22
CA GLU B 280 -13.60 -16.17 -1.46
C GLU B 280 -14.58 -16.95 -2.35
N GLN B 281 -15.38 -17.83 -1.77
CA GLN B 281 -16.26 -18.66 -2.57
C GLN B 281 -17.40 -17.84 -3.17
N ARG B 282 -17.92 -16.84 -2.43
CA ARG B 282 -19.01 -16.05 -2.99
C ARG B 282 -18.50 -15.08 -4.06
N ILE B 283 -17.31 -14.53 -3.88
CA ILE B 283 -16.66 -13.76 -4.95
C ILE B 283 -16.64 -14.58 -6.24
N ARG B 284 -16.17 -15.82 -6.15
CA ARG B 284 -16.08 -16.65 -7.35
C ARG B 284 -17.44 -17.03 -7.89
N GLN B 285 -18.43 -17.26 -7.00
CA GLN B 285 -19.77 -17.55 -7.46
C GLN B 285 -20.35 -16.40 -8.29
N ASN B 286 -20.06 -15.16 -7.89
CA ASN B 286 -20.79 -14.02 -8.47
C ASN B 286 -20.43 -13.83 -9.94
N VAL B 287 -19.24 -14.24 -10.37
CA VAL B 287 -18.94 -14.08 -11.78
C VAL B 287 -19.72 -15.07 -12.61
N GLN B 288 -20.38 -16.06 -11.97
CA GLN B 288 -21.24 -16.96 -12.74
C GLN B 288 -22.49 -16.27 -13.31
N VAL B 289 -22.69 -14.99 -13.02
CA VAL B 289 -23.86 -14.28 -13.52
C VAL B 289 -23.88 -14.32 -15.04
N PHE B 290 -22.72 -14.48 -15.67
CA PHE B 290 -22.68 -14.48 -17.13
C PHE B 290 -23.05 -15.82 -17.74
N GLU B 291 -23.31 -16.84 -16.93
CA GLU B 291 -23.45 -18.19 -17.45
C GLU B 291 -24.89 -18.61 -17.76
N PHE B 292 -25.87 -17.78 -17.45
CA PHE B 292 -27.27 -18.18 -17.62
C PHE B 292 -28.09 -16.95 -17.94
N GLN B 293 -29.36 -17.17 -18.29
CA GLN B 293 -30.26 -16.07 -18.59
C GLN B 293 -31.63 -16.33 -17.98
N LEU B 294 -32.29 -15.25 -17.60
CA LEU B 294 -33.66 -15.22 -17.11
C LEU B 294 -34.59 -15.04 -18.30
N THR B 295 -35.79 -15.62 -18.20
CA THR B 295 -36.78 -15.44 -19.23
C THR B 295 -37.52 -14.13 -19.00
N ALA B 296 -38.22 -13.69 -20.06
CA ALA B 296 -39.10 -12.52 -19.92
C ALA B 296 -40.07 -12.71 -18.77
N GLU B 297 -40.67 -13.90 -18.67
CA GLU B 297 -41.55 -14.20 -17.55
C GLU B 297 -40.81 -14.08 -16.21
N ASP B 298 -39.58 -14.61 -16.12
CA ASP B 298 -38.78 -14.46 -14.89
C ASP B 298 -38.59 -12.99 -14.53
N MET B 299 -38.32 -12.15 -15.54
CA MET B 299 -38.03 -10.75 -15.26
C MET B 299 -39.26 -10.03 -14.74
N LYS B 300 -40.42 -10.31 -15.30
CA LYS B 300 -41.64 -9.70 -14.78
C LYS B 300 -41.92 -10.15 -13.35
N ALA B 301 -41.57 -11.39 -13.00
CA ALA B 301 -41.77 -11.84 -11.62
C ALA B 301 -40.89 -11.04 -10.66
N ILE B 302 -39.62 -10.81 -11.04
CA ILE B 302 -38.74 -9.99 -10.21
C ILE B 302 -39.20 -8.54 -10.17
N ASP B 303 -39.66 -8.00 -11.30
CA ASP B 303 -40.23 -6.65 -11.29
C ASP B 303 -41.35 -6.50 -10.27
N GLY B 304 -42.12 -7.56 -10.04
CA GLY B 304 -43.25 -7.48 -9.13
C GLY B 304 -42.89 -7.36 -7.66
N LEU B 305 -41.60 -7.46 -7.31
CA LEU B 305 -41.17 -7.36 -5.93
C LEU B 305 -41.00 -5.92 -5.47
N ASP B 306 -41.02 -4.98 -6.40
CA ASP B 306 -40.74 -3.58 -6.11
C ASP B 306 -41.69 -3.08 -5.03
N ARG B 307 -41.10 -2.53 -3.96
CA ARG B 307 -41.88 -2.06 -2.83
C ARG B 307 -41.29 -0.79 -2.21
N ASN B 308 -40.47 -0.06 -2.96
CA ASN B 308 -39.88 1.22 -2.55
C ASN B 308 -39.15 1.10 -1.20
N LEU B 309 -38.39 0.01 -1.05
CA LEU B 309 -37.63 -0.24 0.17
C LEU B 309 -36.21 0.27 0.02
N HIS B 310 -35.80 1.19 0.89
CA HIS B 310 -34.47 1.79 0.85
C HIS B 310 -33.69 1.22 2.02
N TYR B 311 -32.66 0.40 1.73
CA TYR B 311 -31.78 -0.02 2.80
C TYR B 311 -30.98 1.16 3.31
N PHE B 312 -30.56 2.06 2.43
CA PHE B 312 -29.83 3.26 2.82
C PHE B 312 -30.80 4.44 2.77
N ASN B 313 -31.65 4.51 3.79
CA ASN B 313 -32.63 5.59 3.75
C ASN B 313 -32.04 6.89 4.26
N SER B 314 -30.94 6.84 5.01
CA SER B 314 -30.30 8.04 5.54
C SER B 314 -31.32 8.89 6.29
N ASP B 315 -32.09 8.23 7.18
CA ASP B 315 -33.21 8.89 7.83
C ASP B 315 -32.81 10.21 8.50
N SER B 316 -31.68 10.22 9.20
CA SER B 316 -31.32 11.43 9.92
C SER B 316 -30.94 12.58 8.99
N PHE B 317 -30.71 12.31 7.70
CA PHE B 317 -30.36 13.36 6.75
C PHE B 317 -31.54 13.81 5.91
N ALA B 318 -32.76 13.37 6.27
CA ALA B 318 -33.93 13.69 5.46
C ALA B 318 -34.21 15.19 5.38
N SER B 319 -33.69 15.99 6.31
CA SER B 319 -33.87 17.43 6.23
C SER B 319 -32.74 18.10 5.44
N HIS B 320 -31.74 17.37 4.97
CA HIS B 320 -30.74 18.01 4.14
C HIS B 320 -31.40 18.54 2.88
N PRO B 321 -31.06 19.76 2.43
CA PRO B 321 -31.73 20.31 1.24
C PRO B 321 -31.57 19.43 0.04
N ASN B 322 -30.46 18.67 -0.03
CA ASN B 322 -30.20 17.82 -1.17
C ASN B 322 -30.52 16.37 -0.90
N TYR B 323 -31.32 16.07 0.12
CA TYR B 323 -31.75 14.69 0.34
C TYR B 323 -32.45 14.18 -0.93
N PRO B 324 -32.05 13.03 -1.50
CA PRO B 324 -32.57 12.70 -2.83
C PRO B 324 -33.94 12.01 -2.80
N TYR B 325 -34.41 11.57 -1.65
CA TYR B 325 -35.62 10.77 -1.60
C TYR B 325 -36.87 11.58 -1.23
N SER B 326 -36.80 12.90 -1.28
CA SER B 326 -38.03 13.68 -1.11
C SER B 326 -38.81 13.85 -2.42
N ASP B 327 -38.24 13.44 -3.55
CA ASP B 327 -38.90 13.46 -4.85
C ASP B 327 -39.32 12.04 -5.23
N GLU B 328 -40.39 11.95 -6.05
CA GLU B 328 -40.87 10.66 -6.53
C GLU B 328 -39.74 9.82 -7.09
N TYR B 329 -38.90 10.44 -7.91
CA TYR B 329 -37.66 9.83 -8.36
C TYR B 329 -36.75 10.94 -8.87
#